data_4JDB
#
_entry.id   4JDB
#
_cell.length_a   67.926
_cell.length_b   71.642
_cell.length_c   129.176
_cell.angle_alpha   90.000
_cell.angle_beta   90.000
_cell.angle_gamma   90.000
#
_symmetry.space_group_name_H-M   'P 21 21 21'
#
loop_
_entity.id
_entity.type
_entity.pdbx_description
1 polymer 'Dihydroorotate dehydrogenase (fumarate)'
2 non-polymer '5-[2-(7-methoxynaphthalen-2-yl)ethyl]-2,6-dioxo-1,2,3,6-tetrahydropyrimidine-4-carboxylic acid'
3 non-polymer GLYCEROL
4 non-polymer 'FLAVIN MONONUCLEOTIDE'
5 non-polymer 'COBALT HEXAMMINE(III)'
6 water water
#
_entity_poly.entity_id   1
_entity_poly.type   'polypeptide(L)'
_entity_poly.pdbx_seq_one_letter_code
;MCLKLNLLDHVFANPFMNAAGVLCSTEEDLRCMTASSSGALVSKSCTSAPRDGNPEPRYMAFPLGSINSMGLPNLGFDFY
LKYASDLHDYSKKPLFLSISGLSVEENVAMVRRLAPVAQEKGVLLELNLSCPNVPGKPQVAYDFEAMRTYLQQVSLAYGL
PFGVKMPPYFDIAHFDTAAAVLNEFPLVKFVTCVNSVGNGLVIDAESESVVIKPKQGFGGLGGKYILPTALANVNAFYRR
CPDKLVFGCGGVYSGEDAFLHILAGASMVQVGTALQEEGPGIFTRLEDELLEIMARKGYRTLEEFRGRVKTIE
;
_entity_poly.pdbx_strand_id   A,B
#
# COMPACT_ATOMS: atom_id res chain seq x y z
N MET A 1 10.96 11.44 33.75
CA MET A 1 10.72 11.11 32.28
C MET A 1 11.03 9.63 31.97
N CYS A 2 10.05 8.89 31.48
CA CYS A 2 10.27 7.47 31.30
C CYS A 2 9.41 6.84 30.25
N LEU A 3 9.92 5.73 29.75
CA LEU A 3 9.28 4.99 28.64
C LEU A 3 8.52 3.74 29.08
N LYS A 4 8.43 3.49 30.39
CA LYS A 4 7.80 2.30 30.97
C LYS A 4 6.37 2.27 30.59
N LEU A 5 5.86 1.04 30.45
CA LEU A 5 4.50 0.78 30.19
C LEU A 5 4.11 -0.41 30.97
N ASN A 6 2.83 -0.51 31.27
CA ASN A 6 2.33 -1.65 32.04
C ASN A 6 1.08 -1.97 31.25
N LEU A 7 1.10 -3.12 30.62
CA LEU A 7 -0.08 -3.58 29.95
C LEU A 7 -0.17 -5.08 29.83
N LEU A 8 -1.37 -5.56 29.57
CA LEU A 8 -1.57 -6.98 29.49
C LEU A 8 -0.98 -7.75 30.71
N ASP A 9 -1.01 -7.11 31.88
CA ASP A 9 -0.54 -7.69 33.14
C ASP A 9 0.99 -7.94 33.05
N HIS A 10 1.64 -7.21 32.17
CA HIS A 10 3.11 -7.20 32.13
C HIS A 10 3.68 -5.83 32.26
N VAL A 11 4.95 -5.76 32.55
CA VAL A 11 5.70 -4.51 32.64
C VAL A 11 6.80 -4.47 31.60
N PHE A 12 6.91 -3.34 30.87
CA PHE A 12 7.81 -3.18 29.77
C PHE A 12 8.68 -1.98 30.05
N ALA A 13 10.00 -2.09 29.95
CA ALA A 13 10.86 -0.94 30.21
C ALA A 13 10.64 0.17 29.21
N ASN A 14 10.26 -0.17 27.99
CA ASN A 14 10.08 0.77 26.92
C ASN A 14 9.15 0.08 25.88
N PRO A 15 8.63 0.81 24.91
CA PRO A 15 7.65 0.23 24.00
C PRO A 15 8.25 -0.52 22.82
N PHE A 16 9.57 -0.57 22.70
CA PHE A 16 10.19 -1.15 21.50
C PHE A 16 10.30 -2.65 21.58
N MET A 17 10.11 -3.29 20.42
CA MET A 17 10.33 -4.70 20.27
C MET A 17 10.60 -4.97 18.83
N ASN A 18 11.15 -6.15 18.53
CA ASN A 18 11.28 -6.52 17.16
C ASN A 18 9.90 -6.76 16.52
N ALA A 19 9.81 -6.64 15.20
CA ALA A 19 8.67 -7.14 14.48
C ALA A 19 8.81 -8.63 14.24
N ALA A 20 7.70 -9.38 14.23
CA ALA A 20 7.84 -10.76 13.98
C ALA A 20 8.59 -11.08 12.68
N GLY A 21 9.46 -12.07 12.75
CA GLY A 21 10.21 -12.52 11.62
C GLY A 21 11.60 -11.95 11.60
N VAL A 22 11.83 -10.84 12.27
CA VAL A 22 13.19 -10.20 12.23
C VAL A 22 13.87 -10.57 13.52
N LEU A 23 15.12 -11.14 13.42
CA LEU A 23 15.96 -11.44 14.59
C LEU A 23 15.25 -12.24 15.61
N CYS A 24 14.64 -13.33 15.19
CA CYS A 24 13.83 -14.09 16.13
C CYS A 24 13.51 -15.52 15.71
N SER A 25 14.31 -16.07 14.81
CA SER A 25 14.00 -17.43 14.30
C SER A 25 14.72 -18.52 15.06
N THR A 26 15.97 -18.28 15.50
CA THR A 26 16.75 -19.28 16.22
C THR A 26 16.88 -18.95 17.71
N GLU A 27 17.49 -19.88 18.49
CA GLU A 27 17.74 -19.67 19.91
C GLU A 27 18.76 -18.53 20.02
N GLU A 28 19.69 -18.54 19.09
CA GLU A 28 20.76 -17.47 19.09
C GLU A 28 20.02 -16.10 18.91
N ASP A 29 19.12 -16.06 17.96
CA ASP A 29 18.41 -14.82 17.62
C ASP A 29 17.62 -14.33 18.88
N LEU A 30 16.87 -15.25 19.51
CA LEU A 30 16.07 -14.90 20.64
C LEU A 30 16.91 -14.45 21.83
N ARG A 31 18.05 -15.08 22.07
CA ARG A 31 18.92 -14.68 23.16
C ARG A 31 19.44 -13.26 22.86
N CYS A 32 19.69 -12.99 21.59
CA CYS A 32 20.23 -11.70 21.14
C CYS A 32 19.19 -10.62 21.30
N MET A 33 17.91 -10.90 20.97
CA MET A 33 16.87 -9.95 21.27
C MET A 33 16.69 -9.75 22.79
N THR A 34 16.84 -10.81 23.57
CA THR A 34 16.69 -10.76 25.03
C THR A 34 17.79 -9.85 25.59
N ALA A 35 19.04 -10.05 25.12
CA ALA A 35 20.18 -9.21 25.55
C ALA A 35 20.12 -7.75 25.17
N SER A 36 19.37 -7.42 24.11
CA SER A 36 19.14 -6.03 23.64
C SER A 36 18.36 -5.13 24.63
N SER A 37 18.30 -3.82 24.34
CA SER A 37 17.62 -2.89 25.20
C SER A 37 16.14 -2.89 24.88
N SER A 38 15.72 -3.71 23.94
CA SER A 38 14.27 -3.77 23.66
C SER A 38 13.42 -3.94 24.90
N GLY A 39 12.16 -3.40 24.90
CA GLY A 39 11.25 -3.69 25.98
C GLY A 39 10.57 -5.04 25.94
N ALA A 40 10.56 -5.68 24.77
CA ALA A 40 10.03 -7.04 24.60
C ALA A 40 10.61 -7.67 23.32
N LEU A 41 10.23 -8.93 23.05
CA LEU A 41 10.57 -9.57 21.87
C LEU A 41 9.42 -10.48 21.45
N VAL A 42 9.34 -10.73 20.14
CA VAL A 42 8.37 -11.73 19.56
C VAL A 42 9.14 -12.76 18.75
N SER A 43 8.74 -14.02 18.82
CA SER A 43 9.35 -15.07 18.04
C SER A 43 8.86 -15.10 16.58
N LYS A 44 9.65 -15.72 15.69
CA LYS A 44 9.25 -15.91 14.33
C LYS A 44 7.92 -16.65 14.26
N SER A 45 7.01 -16.19 13.40
CA SER A 45 5.70 -16.87 13.15
C SER A 45 6.04 -18.32 12.83
N CYS A 46 5.44 -19.26 13.57
CA CYS A 46 5.75 -20.63 13.36
C CYS A 46 4.54 -21.47 12.85
N THR A 47 4.94 -22.63 12.37
CA THR A 47 4.00 -23.67 11.86
C THR A 47 4.22 -24.89 12.72
N SER A 48 3.32 -25.82 12.70
CA SER A 48 3.54 -26.96 13.51
C SER A 48 4.79 -27.75 13.09
N ALA A 49 5.08 -27.88 11.81
CA ALA A 49 6.28 -28.59 11.40
C ALA A 49 7.38 -27.53 11.10
N PRO A 50 8.64 -27.89 11.26
CA PRO A 50 9.68 -26.95 10.78
C PRO A 50 9.60 -26.74 9.27
N ARG A 51 10.06 -25.56 8.80
CA ARG A 51 10.02 -25.22 7.41
C ARG A 51 11.32 -24.60 7.00
N ASP A 52 11.75 -24.89 5.75
CA ASP A 52 12.96 -24.27 5.17
C ASP A 52 12.64 -22.93 4.55
N GLY A 53 11.41 -22.79 4.11
CA GLY A 53 10.91 -21.55 3.52
C GLY A 53 11.24 -21.50 2.05
N ASN A 54 11.10 -20.34 1.44
CA ASN A 54 11.22 -20.18 0.02
C ASN A 54 12.70 -20.17 -0.45
N PRO A 55 12.93 -20.38 -1.77
CA PRO A 55 14.27 -20.27 -2.31
C PRO A 55 14.85 -18.89 -2.18
N GLU A 56 16.15 -18.81 -1.97
CA GLU A 56 16.88 -17.54 -1.89
C GLU A 56 17.34 -17.06 -3.26
N PRO A 57 17.49 -15.75 -3.45
CA PRO A 57 17.29 -14.66 -2.52
C PRO A 57 15.83 -14.40 -2.22
N ARG A 58 15.52 -14.16 -0.96
CA ARG A 58 14.13 -13.98 -0.62
C ARG A 58 13.90 -12.76 0.28
N TYR A 59 14.96 -11.96 0.54
CA TYR A 59 14.85 -10.75 1.25
C TYR A 59 15.87 -9.83 0.70
N MET A 60 15.48 -8.59 0.43
CA MET A 60 16.44 -7.57 0.01
C MET A 60 16.04 -6.23 0.56
N ALA A 61 17.04 -5.39 0.85
CA ALA A 61 16.76 -4.08 1.38
C ALA A 61 17.47 -2.97 0.65
N PHE A 62 16.92 -1.79 0.73
CA PHE A 62 17.32 -0.65 -0.10
C PHE A 62 17.07 0.58 0.72
N PRO A 63 17.49 1.79 0.21
CA PRO A 63 17.38 2.95 1.09
C PRO A 63 15.97 3.23 1.65
N LEU A 64 14.96 2.91 0.86
CA LEU A 64 13.62 3.22 1.34
C LEU A 64 12.85 2.05 1.98
N GLY A 65 13.48 0.90 2.09
CA GLY A 65 12.81 -0.28 2.73
C GLY A 65 13.28 -1.61 2.22
N SER A 66 12.37 -2.63 2.34
CA SER A 66 12.69 -3.95 2.01
C SER A 66 11.50 -4.64 1.33
N ILE A 67 11.85 -5.71 0.68
CA ILE A 67 10.91 -6.66 0.10
C ILE A 67 11.27 -8.07 0.54
N ASN A 68 10.25 -8.94 0.78
CA ASN A 68 10.55 -10.28 1.12
C ASN A 68 9.43 -11.23 0.70
N SER A 69 9.85 -12.43 0.43
CA SER A 69 8.93 -13.56 0.37
C SER A 69 9.62 -14.73 1.04
N MET A 70 9.75 -14.61 2.33
CA MET A 70 10.53 -15.60 3.08
C MET A 70 9.88 -17.01 3.00
N GLY A 71 8.55 -17.04 3.05
CA GLY A 71 7.84 -18.31 3.06
C GLY A 71 7.74 -19.06 4.37
N LEU A 72 7.71 -18.34 5.48
CA LEU A 72 7.67 -18.90 6.78
C LEU A 72 8.74 -19.92 7.11
N PRO A 73 9.99 -19.63 6.82
CA PRO A 73 11.04 -20.50 7.40
C PRO A 73 11.03 -20.42 8.93
N ASN A 74 11.02 -21.57 9.65
CA ASN A 74 10.93 -21.55 11.11
C ASN A 74 11.29 -22.92 11.69
N LEU A 75 11.63 -22.95 12.96
CA LEU A 75 12.15 -24.17 13.58
C LEU A 75 11.03 -25.09 14.02
N GLY A 76 9.81 -24.69 13.75
CA GLY A 76 8.61 -25.48 14.14
C GLY A 76 8.14 -25.07 15.57
N PHE A 77 6.88 -25.34 15.87
CA PHE A 77 6.27 -24.95 17.09
C PHE A 77 6.88 -25.47 18.35
N ASP A 78 7.29 -26.76 18.35
CA ASP A 78 7.79 -27.37 19.49
C ASP A 78 9.01 -26.60 19.96
N PHE A 79 9.78 -26.15 19.03
CA PHE A 79 10.99 -25.32 19.39
C PHE A 79 10.61 -23.98 20.06
N TYR A 80 9.69 -23.23 19.47
CA TYR A 80 9.24 -21.98 20.10
C TYR A 80 8.51 -22.17 21.47
N LEU A 81 7.73 -23.23 21.60
CA LEU A 81 7.11 -23.55 22.87
C LEU A 81 8.12 -23.87 23.91
N LYS A 82 9.14 -24.61 23.53
CA LYS A 82 10.23 -25.00 24.45
C LYS A 82 11.00 -23.74 24.87
N TYR A 83 11.24 -22.85 23.90
CA TYR A 83 11.94 -21.59 24.23
C TYR A 83 11.07 -20.86 25.31
N ALA A 84 9.77 -20.79 25.05
CA ALA A 84 8.91 -20.08 25.97
C ALA A 84 8.86 -20.73 27.37
N SER A 85 8.84 -22.06 27.35
CA SER A 85 8.58 -22.82 28.50
C SER A 85 9.84 -22.99 29.36
N ASP A 86 10.99 -23.21 28.76
CA ASP A 86 12.18 -23.61 29.48
C ASP A 86 13.37 -22.65 29.30
N LEU A 87 13.44 -21.87 28.24
CA LEU A 87 14.72 -21.14 27.97
C LEU A 87 14.63 -19.66 28.22
N HIS A 88 13.47 -19.06 27.94
CA HIS A 88 13.36 -17.57 28.01
C HIS A 88 13.46 -17.06 29.44
N ASP A 89 14.32 -16.06 29.69
CA ASP A 89 14.37 -15.39 30.97
C ASP A 89 13.34 -14.25 31.02
N TYR A 90 12.16 -14.51 31.62
CA TYR A 90 11.10 -13.53 31.77
C TYR A 90 11.49 -12.42 32.77
N SER A 91 12.56 -12.58 33.52
CA SER A 91 13.00 -11.47 34.35
C SER A 91 13.62 -10.37 33.48
N LYS A 92 14.06 -10.72 32.27
CA LYS A 92 14.66 -9.73 31.36
C LYS A 92 13.60 -8.86 30.69
N LYS A 93 12.57 -9.48 30.08
CA LYS A 93 11.51 -8.76 29.40
C LYS A 93 10.42 -9.79 29.01
N PRO A 94 9.25 -9.34 28.69
CA PRO A 94 8.19 -10.26 28.21
C PRO A 94 8.47 -10.80 26.82
N LEU A 95 7.84 -11.95 26.54
CA LEU A 95 7.98 -12.67 25.34
C LEU A 95 6.59 -12.80 24.72
N PHE A 96 6.51 -12.47 23.44
CA PHE A 96 5.35 -12.80 22.53
C PHE A 96 5.78 -13.99 21.67
N LEU A 97 4.86 -14.95 21.41
CA LEU A 97 5.09 -16.02 20.55
C LEU A 97 4.10 -15.84 19.41
N SER A 98 4.63 -15.82 18.21
CA SER A 98 3.80 -15.58 17.00
C SER A 98 3.50 -16.90 16.32
N ILE A 99 2.23 -17.16 16.07
CA ILE A 99 1.87 -18.30 15.28
C ILE A 99 1.21 -18.01 13.92
N SER A 100 1.51 -18.85 12.95
CA SER A 100 1.02 -18.66 11.65
C SER A 100 0.75 -19.96 10.96
N GLY A 101 -0.15 -20.75 11.54
CA GLY A 101 -0.67 -21.95 10.87
C GLY A 101 -1.20 -21.77 9.48
N LEU A 102 -1.09 -22.80 8.66
CA LEU A 102 -1.49 -22.77 7.26
C LEU A 102 -2.94 -23.18 7.09
N SER A 103 -3.54 -23.55 8.21
CA SER A 103 -5.00 -23.79 8.25
C SER A 103 -5.52 -23.45 9.60
N VAL A 104 -6.83 -23.30 9.72
CA VAL A 104 -7.41 -23.09 11.01
C VAL A 104 -7.11 -24.25 11.96
N GLU A 105 -7.22 -25.53 11.52
CA GLU A 105 -6.89 -26.61 12.45
C GLU A 105 -5.42 -26.61 12.98
N GLU A 106 -4.49 -26.31 12.09
CA GLU A 106 -3.07 -26.18 12.52
C GLU A 106 -2.98 -25.14 13.64
N ASN A 107 -3.60 -23.98 13.44
CA ASN A 107 -3.55 -22.94 14.52
C ASN A 107 -4.20 -23.37 15.83
N VAL A 108 -5.39 -24.04 15.74
CA VAL A 108 -6.04 -24.58 16.89
C VAL A 108 -5.14 -25.57 17.63
N ALA A 109 -4.42 -26.43 16.95
CA ALA A 109 -3.61 -27.42 17.59
C ALA A 109 -2.45 -26.76 18.33
N MET A 110 -1.84 -25.75 17.72
CA MET A 110 -0.75 -25.04 18.45
C MET A 110 -1.27 -24.28 19.63
N VAL A 111 -2.36 -23.52 19.47
CA VAL A 111 -2.83 -22.71 20.64
C VAL A 111 -3.32 -23.58 21.83
N ARG A 112 -3.86 -24.77 21.57
CA ARG A 112 -4.22 -25.68 22.68
C ARG A 112 -3.07 -26.03 23.51
N ARG A 113 -1.92 -26.21 22.88
CA ARG A 113 -0.71 -26.62 23.58
C ARG A 113 0.08 -25.45 24.18
N LEU A 114 -0.08 -24.27 23.57
CA LEU A 114 0.50 -23.01 24.12
C LEU A 114 -0.22 -22.57 25.41
N ALA A 115 -1.53 -22.83 25.50
CA ALA A 115 -2.30 -22.34 26.64
C ALA A 115 -1.70 -22.55 28.02
N PRO A 116 -1.33 -23.77 28.38
CA PRO A 116 -0.84 -23.99 29.76
C PRO A 116 0.50 -23.20 30.01
N VAL A 117 1.26 -23.04 28.94
CA VAL A 117 2.54 -22.32 29.03
C VAL A 117 2.28 -20.82 29.20
N ALA A 118 1.35 -20.27 28.47
CA ALA A 118 0.89 -18.93 28.64
C ALA A 118 0.38 -18.64 30.01
N GLN A 119 -0.50 -19.50 30.50
CA GLN A 119 -0.93 -19.38 31.88
C GLN A 119 0.15 -19.45 32.93
N GLU A 120 1.10 -20.40 32.84
CA GLU A 120 2.08 -20.59 33.85
C GLU A 120 3.29 -19.66 33.73
N LYS A 121 3.71 -19.33 32.51
CA LYS A 121 4.92 -18.49 32.29
C LYS A 121 4.61 -17.07 31.86
N GLY A 122 3.42 -16.81 31.33
CA GLY A 122 3.09 -15.47 30.88
C GLY A 122 3.53 -15.07 29.44
N VAL A 123 4.01 -16.03 28.67
CA VAL A 123 4.09 -15.85 27.21
C VAL A 123 2.82 -15.36 26.56
N LEU A 124 2.97 -14.34 25.71
CA LEU A 124 1.83 -13.73 25.03
C LEU A 124 1.66 -14.13 23.52
N LEU A 125 0.48 -14.58 23.13
CA LEU A 125 0.26 -15.00 21.79
C LEU A 125 -0.06 -13.87 20.83
N GLU A 126 0.64 -13.83 19.69
CA GLU A 126 0.31 -12.98 18.58
C GLU A 126 -0.05 -13.88 17.44
N LEU A 127 -1.32 -13.91 17.11
CA LEU A 127 -1.79 -14.72 15.99
C LEU A 127 -1.72 -13.95 14.70
N ASN A 128 -0.94 -14.47 13.73
CA ASN A 128 -0.71 -13.84 12.48
C ASN A 128 -1.81 -14.10 11.45
N LEU A 129 -2.65 -13.10 11.22
CA LEU A 129 -3.77 -13.24 10.31
C LEU A 129 -3.39 -12.93 8.86
N SER A 130 -2.12 -12.62 8.54
CA SER A 130 -1.67 -13.00 7.14
C SER A 130 -1.34 -14.48 6.84
N CYS A 131 -1.53 -15.42 7.75
CA CYS A 131 -1.25 -16.78 7.35
C CYS A 131 -1.92 -16.93 5.92
N PRO A 132 -1.29 -17.74 5.07
CA PRO A 132 -1.91 -17.94 3.77
C PRO A 132 -3.14 -18.77 4.04
N ASN A 133 -4.09 -18.66 3.14
CA ASN A 133 -5.40 -19.25 3.18
C ASN A 133 -5.25 -20.50 2.25
N VAL A 134 -6.36 -20.97 1.75
CA VAL A 134 -6.35 -21.77 0.54
C VAL A 134 -5.76 -20.98 -0.62
N PRO A 135 -4.78 -21.55 -1.36
CA PRO A 135 -4.25 -20.79 -2.51
C PRO A 135 -5.34 -20.44 -3.52
N GLY A 136 -5.27 -19.22 -4.06
CA GLY A 136 -6.33 -18.63 -4.91
C GLY A 136 -7.42 -17.93 -4.14
N LYS A 137 -7.35 -17.98 -2.82
CA LYS A 137 -8.16 -17.11 -2.04
C LYS A 137 -7.22 -16.04 -1.43
N PRO A 138 -7.77 -14.88 -1.06
CA PRO A 138 -6.94 -13.85 -0.35
C PRO A 138 -6.40 -14.34 0.99
N GLN A 139 -5.33 -13.69 1.44
CA GLN A 139 -4.79 -13.97 2.73
C GLN A 139 -5.93 -13.87 3.74
N VAL A 140 -5.78 -14.56 4.88
CA VAL A 140 -6.89 -14.73 5.81
C VAL A 140 -7.60 -13.39 6.21
N ALA A 141 -6.81 -12.37 6.55
CA ALA A 141 -7.38 -11.09 7.01
C ALA A 141 -8.00 -10.23 5.88
N TYR A 142 -7.85 -10.63 4.64
CA TYR A 142 -8.57 -10.01 3.59
C TYR A 142 -9.77 -10.89 3.19
N ASP A 143 -10.10 -11.88 3.98
CA ASP A 143 -11.34 -12.75 3.77
C ASP A 143 -12.05 -12.76 5.10
N PHE A 144 -13.01 -11.84 5.28
CA PHE A 144 -13.60 -11.54 6.58
C PHE A 144 -14.34 -12.73 7.13
N GLU A 145 -14.89 -13.56 6.25
CA GLU A 145 -15.49 -14.80 6.78
C GLU A 145 -14.48 -15.80 7.36
N ALA A 146 -13.37 -16.05 6.64
CA ALA A 146 -12.30 -16.84 7.19
C ALA A 146 -11.70 -16.26 8.45
N MET A 147 -11.52 -14.92 8.49
CA MET A 147 -10.99 -14.30 9.69
C MET A 147 -11.87 -14.57 10.90
N ARG A 148 -13.19 -14.42 10.71
CA ARG A 148 -14.11 -14.71 11.80
C ARG A 148 -13.96 -16.15 12.28
N THR A 149 -13.81 -17.06 11.34
CA THR A 149 -13.70 -18.49 11.68
C THR A 149 -12.44 -18.72 12.50
N TYR A 150 -11.34 -18.10 12.04
CA TYR A 150 -10.08 -18.29 12.74
C TYR A 150 -10.17 -17.82 14.17
N LEU A 151 -10.74 -16.63 14.38
CA LEU A 151 -10.85 -16.05 15.73
C LEU A 151 -11.82 -16.77 16.66
N GLN A 152 -12.95 -17.22 16.13
CA GLN A 152 -13.86 -18.05 16.95
C GLN A 152 -13.15 -19.34 17.46
N GLN A 153 -12.51 -20.05 16.53
CA GLN A 153 -11.85 -21.31 16.90
C GLN A 153 -10.65 -21.12 17.82
N VAL A 154 -9.79 -20.13 17.52
CA VAL A 154 -8.69 -19.86 18.36
C VAL A 154 -9.20 -19.36 19.70
N SER A 155 -10.24 -18.54 19.72
CA SER A 155 -10.75 -18.09 21.04
C SER A 155 -11.17 -19.29 21.91
N LEU A 156 -11.91 -20.22 21.30
CA LEU A 156 -12.42 -21.41 22.02
C LEU A 156 -11.29 -22.29 22.47
N ALA A 157 -10.31 -22.47 21.61
CA ALA A 157 -9.21 -23.41 21.88
C ALA A 157 -8.24 -22.85 22.87
N TYR A 158 -8.02 -21.52 22.85
CA TYR A 158 -6.99 -20.94 23.74
C TYR A 158 -7.50 -20.49 25.08
N GLY A 159 -8.57 -19.72 25.07
CA GLY A 159 -9.28 -19.34 26.27
C GLY A 159 -8.63 -18.26 27.07
N LEU A 160 -7.58 -17.64 26.51
CA LEU A 160 -6.79 -16.64 27.21
C LEU A 160 -6.68 -15.43 26.28
N PRO A 161 -6.37 -14.27 26.86
CA PRO A 161 -6.12 -13.05 26.09
C PRO A 161 -4.99 -13.27 25.10
N PHE A 162 -5.16 -12.76 23.88
CA PHE A 162 -4.17 -12.84 22.83
C PHE A 162 -4.28 -11.64 21.94
N GLY A 163 -3.40 -11.56 20.97
CA GLY A 163 -3.53 -10.51 19.97
C GLY A 163 -3.35 -11.04 18.58
N VAL A 164 -3.59 -10.15 17.62
CA VAL A 164 -3.59 -10.49 16.26
C VAL A 164 -2.65 -9.55 15.46
N LYS A 165 -1.91 -10.11 14.53
CA LYS A 165 -1.14 -9.32 13.53
C LYS A 165 -1.90 -9.14 12.22
N MET A 166 -2.23 -7.91 11.89
CA MET A 166 -3.08 -7.54 10.76
C MET A 166 -2.28 -7.00 9.55
N PRO A 167 -2.69 -7.40 8.34
CA PRO A 167 -2.17 -6.74 7.16
C PRO A 167 -2.73 -5.32 7.11
N PRO A 168 -2.13 -4.47 6.29
CA PRO A 168 -2.75 -3.16 6.05
C PRO A 168 -4.02 -3.22 5.25
N TYR A 169 -4.95 -2.33 5.57
CA TYR A 169 -6.09 -2.03 4.69
C TYR A 169 -6.03 -0.61 4.11
N PHE A 170 -6.73 -0.40 3.01
CA PHE A 170 -6.63 0.77 2.15
C PHE A 170 -7.97 1.47 1.84
N ASP A 171 -9.05 0.92 2.39
CA ASP A 171 -10.38 1.33 2.07
C ASP A 171 -11.08 1.45 3.47
N ILE A 172 -11.78 2.53 3.67
CA ILE A 172 -12.45 2.80 4.92
C ILE A 172 -13.45 1.66 5.22
N ALA A 173 -14.06 1.11 4.18
CA ALA A 173 -15.10 0.11 4.41
C ALA A 173 -14.48 -1.15 5.00
N HIS A 174 -13.24 -1.42 4.54
CA HIS A 174 -12.43 -2.49 5.15
C HIS A 174 -12.01 -2.22 6.59
N PHE A 175 -11.56 -1.01 6.93
CA PHE A 175 -11.33 -0.64 8.31
C PHE A 175 -12.56 -0.96 9.15
N ASP A 176 -13.70 -0.52 8.66
CA ASP A 176 -14.95 -0.65 9.40
C ASP A 176 -15.24 -2.11 9.63
N THR A 177 -15.15 -2.88 8.58
CA THR A 177 -15.58 -4.30 8.64
C THR A 177 -14.59 -5.11 9.48
N ALA A 178 -13.30 -4.89 9.27
CA ALA A 178 -12.28 -5.60 10.02
C ALA A 178 -12.33 -5.31 11.49
N ALA A 179 -12.46 -4.04 11.90
CA ALA A 179 -12.55 -3.73 13.32
C ALA A 179 -13.82 -4.32 13.91
N ALA A 180 -14.88 -4.32 13.14
CA ALA A 180 -16.14 -4.90 13.63
C ALA A 180 -15.96 -6.40 13.93
N VAL A 181 -15.27 -7.13 13.03
CA VAL A 181 -14.97 -8.51 13.27
C VAL A 181 -14.11 -8.72 14.52
N LEU A 182 -12.98 -8.00 14.64
CA LEU A 182 -12.22 -8.06 15.83
C LEU A 182 -12.99 -7.75 17.11
N ASN A 183 -13.90 -6.77 17.06
CA ASN A 183 -14.66 -6.37 18.21
C ASN A 183 -15.68 -7.48 18.62
N GLU A 184 -15.92 -8.45 17.77
CA GLU A 184 -16.71 -9.62 18.23
C GLU A 184 -16.02 -10.49 19.27
N PHE A 185 -14.68 -10.33 19.47
CA PHE A 185 -13.86 -11.28 20.23
C PHE A 185 -13.21 -10.65 21.41
N PRO A 186 -13.82 -10.82 22.60
CA PRO A 186 -13.27 -10.15 23.72
C PRO A 186 -11.89 -10.61 24.16
N LEU A 187 -11.48 -11.80 23.74
CA LEU A 187 -10.14 -12.25 24.14
C LEU A 187 -9.02 -11.60 23.28
N VAL A 188 -9.39 -11.01 22.15
CA VAL A 188 -8.44 -10.24 21.34
C VAL A 188 -8.14 -8.90 22.06
N LYS A 189 -7.04 -8.88 22.78
CA LYS A 189 -6.70 -7.71 23.60
C LYS A 189 -5.72 -6.74 22.96
N PHE A 190 -5.02 -7.16 21.96
CA PHE A 190 -4.20 -6.25 21.23
C PHE A 190 -4.26 -6.54 19.69
N VAL A 191 -4.11 -5.46 18.91
CA VAL A 191 -4.12 -5.52 17.44
C VAL A 191 -2.84 -4.89 16.94
N THR A 192 -2.01 -5.69 16.27
CA THR A 192 -0.75 -5.25 15.68
C THR A 192 -0.95 -4.83 14.21
N CYS A 193 -0.74 -3.52 13.96
CA CYS A 193 -0.92 -2.87 12.67
C CYS A 193 0.44 -2.27 12.31
N VAL A 194 1.17 -2.73 11.27
CA VAL A 194 0.68 -3.60 10.20
C VAL A 194 1.73 -4.61 9.83
N ASN A 195 1.30 -5.72 9.32
CA ASN A 195 2.20 -6.57 8.47
C ASN A 195 2.68 -5.84 7.18
N SER A 196 3.50 -6.50 6.36
CA SER A 196 3.95 -5.91 5.09
C SER A 196 2.87 -5.53 4.15
N VAL A 197 3.16 -4.49 3.40
CA VAL A 197 2.33 -4.07 2.30
C VAL A 197 2.53 -5.10 1.17
N GLY A 198 1.47 -5.90 0.97
CA GLY A 198 1.62 -7.07 0.14
C GLY A 198 1.91 -6.94 -1.35
N ASN A 199 2.71 -7.86 -1.84
CA ASN A 199 2.91 -8.02 -3.27
C ASN A 199 3.33 -6.79 -4.00
N GLY A 200 4.36 -6.15 -3.47
CA GLY A 200 5.05 -5.16 -4.21
C GLY A 200 6.07 -5.80 -5.11
N LEU A 201 6.75 -5.01 -5.98
CA LEU A 201 7.71 -5.54 -6.95
C LEU A 201 8.88 -4.58 -7.10
N VAL A 202 10.05 -4.96 -6.62
CA VAL A 202 11.25 -4.11 -6.75
C VAL A 202 12.00 -4.63 -7.97
N ILE A 203 12.41 -3.70 -8.84
CA ILE A 203 13.16 -4.01 -10.05
C ILE A 203 14.45 -3.23 -10.00
N ASP A 204 15.54 -3.93 -10.24
CA ASP A 204 16.87 -3.31 -10.32
C ASP A 204 17.14 -2.86 -11.77
N ALA A 205 17.29 -1.56 -11.99
CA ALA A 205 17.42 -1.00 -13.34
C ALA A 205 18.66 -1.48 -14.09
N GLU A 206 19.74 -1.69 -13.39
CA GLU A 206 20.99 -2.04 -14.10
C GLU A 206 20.86 -3.43 -14.68
N SER A 207 20.47 -4.37 -13.83
CA SER A 207 20.33 -5.80 -14.26
C SER A 207 18.94 -6.11 -14.94
N GLU A 208 17.99 -5.19 -14.89
CA GLU A 208 16.69 -5.38 -15.50
C GLU A 208 15.90 -6.52 -14.96
N SER A 209 16.21 -6.83 -13.71
CA SER A 209 15.69 -8.00 -13.03
C SER A 209 15.00 -7.68 -11.67
N VAL A 210 13.93 -8.45 -11.34
CA VAL A 210 13.46 -8.49 -10.01
C VAL A 210 14.60 -8.90 -9.04
N VAL A 211 14.42 -8.62 -7.76
CA VAL A 211 15.50 -8.83 -6.79
C VAL A 211 15.31 -9.99 -5.81
N ILE A 212 14.14 -10.66 -5.85
CA ILE A 212 13.93 -11.82 -5.06
C ILE A 212 13.36 -12.90 -5.97
N LYS A 213 13.69 -14.13 -5.65
CA LYS A 213 13.41 -15.27 -6.49
C LYS A 213 11.95 -15.81 -6.42
N PRO A 214 11.36 -15.94 -5.21
CA PRO A 214 9.98 -16.50 -5.20
C PRO A 214 8.98 -15.61 -5.90
N LYS A 215 7.87 -16.19 -6.37
CA LYS A 215 6.76 -15.44 -6.87
C LYS A 215 7.13 -14.38 -7.93
N GLN A 216 8.06 -14.70 -8.82
CA GLN A 216 8.48 -13.83 -9.90
C GLN A 216 8.82 -12.45 -9.40
N GLY A 217 9.24 -12.40 -8.14
CA GLY A 217 9.84 -11.16 -7.55
C GLY A 217 8.87 -10.38 -6.75
N PHE A 218 7.60 -10.86 -6.64
CA PHE A 218 6.58 -10.19 -5.89
C PHE A 218 6.72 -10.54 -4.40
N GLY A 219 6.64 -9.57 -3.52
CA GLY A 219 6.72 -9.82 -2.10
C GLY A 219 6.36 -8.65 -1.23
N GLY A 220 6.31 -8.87 0.08
CA GLY A 220 5.79 -7.88 0.95
C GLY A 220 6.79 -6.77 1.21
N LEU A 221 6.28 -5.59 1.27
CA LEU A 221 7.12 -4.39 1.51
C LEU A 221 7.08 -3.92 2.95
N GLY A 222 8.24 -3.43 3.40
CA GLY A 222 8.45 -2.90 4.67
C GLY A 222 9.38 -1.68 4.55
N GLY A 223 9.44 -0.94 5.64
CA GLY A 223 10.38 0.18 5.76
C GLY A 223 9.74 1.53 5.42
N LYS A 224 10.56 2.47 4.96
CA LYS A 224 10.08 3.84 4.75
C LYS A 224 8.88 3.91 3.81
N TYR A 225 8.79 3.00 2.85
CA TYR A 225 7.68 2.96 1.92
C TYR A 225 6.35 2.97 2.67
N ILE A 226 6.30 2.35 3.84
CA ILE A 226 5.00 2.01 4.42
C ILE A 226 4.60 2.81 5.63
N LEU A 227 5.40 3.80 6.09
CA LEU A 227 5.07 4.45 7.36
C LEU A 227 3.69 5.11 7.33
N PRO A 228 3.35 5.87 6.23
CA PRO A 228 2.00 6.46 6.36
C PRO A 228 0.83 5.46 6.33
N THR A 229 1.03 4.37 5.59
CA THR A 229 0.05 3.29 5.55
C THR A 229 -0.06 2.70 7.00
N ALA A 230 1.07 2.55 7.67
CA ALA A 230 1.09 1.91 9.00
C ALA A 230 0.41 2.84 9.95
N LEU A 231 0.73 4.17 9.89
CA LEU A 231 0.14 5.12 10.77
C LEU A 231 -1.42 5.17 10.60
N ALA A 232 -1.85 5.11 9.41
CA ALA A 232 -3.27 5.13 9.10
C ALA A 232 -3.98 3.91 9.75
N ASN A 233 -3.37 2.75 9.67
CA ASN A 233 -4.02 1.55 10.18
C ASN A 233 -3.99 1.54 11.74
N VAL A 234 -2.87 1.99 12.35
CA VAL A 234 -2.81 2.12 13.75
C VAL A 234 -3.96 3.02 14.22
N ASN A 235 -4.11 4.19 13.58
CA ASN A 235 -5.11 5.15 14.07
C ASN A 235 -6.53 4.64 13.75
N ALA A 236 -6.74 4.05 12.58
CA ALA A 236 -8.07 3.46 12.22
C ALA A 236 -8.58 2.52 13.30
N PHE A 237 -7.70 1.58 13.66
CA PHE A 237 -8.03 0.57 14.67
C PHE A 237 -8.07 1.13 16.05
N TYR A 238 -7.20 2.11 16.36
CA TYR A 238 -7.28 2.79 17.63
C TYR A 238 -8.63 3.41 17.85
N ARG A 239 -9.15 4.04 16.79
CA ARG A 239 -10.38 4.78 16.90
C ARG A 239 -11.57 3.75 16.94
N ARG A 240 -11.43 2.64 16.32
CA ARG A 240 -12.60 1.69 16.12
C ARG A 240 -12.58 0.62 17.20
N CYS A 241 -11.43 0.40 17.84
CA CYS A 241 -11.36 -0.65 18.92
C CYS A 241 -11.06 -0.11 20.30
N PRO A 242 -12.02 0.63 20.90
CA PRO A 242 -11.65 1.34 22.12
C PRO A 242 -11.33 0.45 23.35
N ASP A 243 -11.72 -0.80 23.33
CA ASP A 243 -11.44 -1.72 24.41
C ASP A 243 -10.24 -2.59 24.11
N LYS A 244 -9.48 -2.33 23.01
CA LYS A 244 -8.28 -3.12 22.74
C LYS A 244 -7.07 -2.20 22.69
N LEU A 245 -5.89 -2.77 22.82
CA LEU A 245 -4.61 -2.03 22.62
C LEU A 245 -4.27 -2.17 21.12
N VAL A 246 -3.53 -1.18 20.59
CA VAL A 246 -2.99 -1.24 19.26
C VAL A 246 -1.45 -1.15 19.44
N PHE A 247 -0.77 -2.09 18.83
CA PHE A 247 0.69 -2.04 18.69
C PHE A 247 0.97 -1.56 17.24
N GLY A 248 1.96 -0.68 17.11
CA GLY A 248 2.23 -0.22 15.79
C GLY A 248 3.45 -0.92 15.26
N CYS A 249 3.45 -1.06 13.93
CA CYS A 249 4.55 -1.68 13.20
C CYS A 249 4.52 -1.14 11.79
N GLY A 250 5.64 -0.57 11.30
CA GLY A 250 5.80 -0.22 9.89
C GLY A 250 6.60 1.09 9.79
N GLY A 251 7.71 0.98 9.14
CA GLY A 251 8.50 2.16 8.88
C GLY A 251 9.16 2.84 10.03
N VAL A 252 9.38 2.18 11.19
CA VAL A 252 10.06 2.83 12.25
C VAL A 252 11.57 2.72 12.04
N TYR A 253 12.20 3.87 11.88
CA TYR A 253 13.65 4.01 11.83
C TYR A 253 14.22 4.97 12.84
N SER A 254 13.39 5.63 13.61
CA SER A 254 13.88 6.72 14.48
C SER A 254 12.89 6.90 15.61
N GLY A 255 13.32 7.60 16.61
CA GLY A 255 12.43 7.97 17.76
C GLY A 255 11.26 8.82 17.26
N GLU A 256 11.49 9.64 16.22
CA GLU A 256 10.41 10.47 15.67
C GLU A 256 9.35 9.58 15.04
N ASP A 257 9.77 8.59 14.23
CA ASP A 257 8.81 7.61 13.68
C ASP A 257 8.00 6.93 14.77
N ALA A 258 8.67 6.55 15.86
CA ALA A 258 8.03 5.90 17.01
C ALA A 258 7.05 6.84 17.70
N PHE A 259 7.49 8.06 17.88
CA PHE A 259 6.57 9.14 18.36
C PHE A 259 5.26 9.29 17.55
N LEU A 260 5.36 9.22 16.21
CA LEU A 260 4.17 9.33 15.38
C LEU A 260 3.29 8.14 15.55
N HIS A 261 3.88 6.97 15.58
CA HIS A 261 3.06 5.80 15.85
C HIS A 261 2.24 5.91 17.13
N ILE A 262 2.94 6.38 18.19
CA ILE A 262 2.35 6.51 19.54
C ILE A 262 1.29 7.62 19.52
N LEU A 263 1.53 8.74 18.89
CA LEU A 263 0.46 9.76 18.65
C LEU A 263 -0.75 9.21 17.92
N ALA A 264 -0.51 8.34 16.95
CA ALA A 264 -1.62 7.56 16.32
C ALA A 264 -2.36 6.59 17.15
N GLY A 265 -1.79 6.15 18.26
CA GLY A 265 -2.47 5.26 19.20
C GLY A 265 -1.68 4.00 19.56
N ALA A 266 -0.44 3.85 19.05
CA ALA A 266 0.37 2.71 19.37
C ALA A 266 0.76 2.62 20.87
N SER A 267 0.64 1.40 21.41
CA SER A 267 1.12 1.06 22.74
C SER A 267 2.57 0.54 22.58
N MET A 268 2.75 -0.64 22.13
CA MET A 268 4.04 -1.12 21.76
C MET A 268 4.32 -0.66 20.27
N VAL A 269 5.60 -0.50 19.98
CA VAL A 269 6.11 -0.17 18.68
C VAL A 269 7.14 -1.23 18.24
N GLN A 270 6.87 -1.90 17.11
CA GLN A 270 7.73 -2.94 16.61
C GLN A 270 8.60 -2.37 15.49
N VAL A 271 9.75 -3.02 15.31
CA VAL A 271 10.74 -2.59 14.38
C VAL A 271 11.21 -3.79 13.56
N GLY A 272 10.94 -3.73 12.27
CA GLY A 272 11.26 -4.82 11.28
C GLY A 272 12.48 -4.46 10.51
N THR A 273 12.26 -3.86 9.34
CA THR A 273 13.27 -3.65 8.36
C THR A 273 14.46 -2.90 8.95
N ALA A 274 14.17 -1.91 9.74
CA ALA A 274 15.33 -1.06 10.29
C ALA A 274 16.21 -1.87 11.25
N LEU A 275 15.60 -2.83 11.95
CA LEU A 275 16.28 -3.70 12.86
C LEU A 275 17.10 -4.72 12.07
N GLN A 276 16.48 -5.27 11.04
CA GLN A 276 17.17 -6.14 10.06
C GLN A 276 18.45 -5.49 9.52
N GLU A 277 18.33 -4.21 9.23
CA GLU A 277 19.45 -3.48 8.62
C GLU A 277 20.52 -3.00 9.56
N GLU A 278 20.11 -2.49 10.72
CA GLU A 278 20.97 -1.83 11.63
C GLU A 278 21.45 -2.76 12.72
N GLY A 279 20.66 -3.77 13.04
CA GLY A 279 20.93 -4.60 14.19
C GLY A 279 20.40 -4.09 15.52
N PRO A 280 20.52 -4.91 16.59
CA PRO A 280 19.82 -4.67 17.82
C PRO A 280 20.29 -3.43 18.56
N GLY A 281 21.45 -2.90 18.23
CA GLY A 281 21.82 -1.59 18.70
C GLY A 281 20.80 -0.49 18.39
N ILE A 282 19.94 -0.72 17.42
CA ILE A 282 18.93 0.29 17.04
C ILE A 282 18.07 0.66 18.28
N PHE A 283 17.86 -0.32 19.18
CA PHE A 283 16.99 -0.07 20.36
C PHE A 283 17.49 1.04 21.31
N THR A 284 18.80 1.10 21.56
CA THR A 284 19.27 2.21 22.44
C THR A 284 19.05 3.54 21.75
N ARG A 285 19.22 3.61 20.45
CA ARG A 285 19.09 4.85 19.73
C ARG A 285 17.68 5.29 19.68
N LEU A 286 16.76 4.34 19.46
CA LEU A 286 15.39 4.73 19.39
C LEU A 286 14.91 5.30 20.68
N GLU A 287 15.29 4.63 21.76
CA GLU A 287 14.98 5.10 23.11
C GLU A 287 15.48 6.50 23.40
N ASP A 288 16.76 6.72 23.13
CA ASP A 288 17.36 8.03 23.30
C ASP A 288 16.62 9.10 22.47
N GLU A 289 16.32 8.78 21.21
CA GLU A 289 15.66 9.70 20.32
C GLU A 289 14.26 10.03 20.77
N LEU A 290 13.50 9.02 21.17
CA LEU A 290 12.15 9.30 21.61
C LEU A 290 12.17 10.12 22.92
N LEU A 291 13.11 9.84 23.81
CA LEU A 291 13.21 10.60 25.07
C LEU A 291 13.61 12.01 24.80
N GLU A 292 14.45 12.27 23.79
CA GLU A 292 14.79 13.63 23.42
C GLU A 292 13.59 14.38 22.89
N ILE A 293 12.75 13.73 22.09
CA ILE A 293 11.55 14.42 21.62
C ILE A 293 10.61 14.72 22.75
N MET A 294 10.39 13.75 23.66
CA MET A 294 9.61 13.98 24.87
C MET A 294 10.15 15.12 25.72
N ALA A 295 11.47 15.18 25.88
CA ALA A 295 12.04 16.30 26.72
C ALA A 295 11.76 17.69 26.15
N ARG A 296 11.87 17.85 24.84
CA ARG A 296 11.66 19.12 24.15
C ARG A 296 10.23 19.55 24.21
N LYS A 297 9.33 18.60 24.23
CA LYS A 297 7.90 18.84 24.31
C LYS A 297 7.33 18.86 25.71
N GLY A 298 8.15 18.59 26.70
CA GLY A 298 7.68 18.49 28.06
C GLY A 298 6.84 17.29 28.45
N TYR A 299 6.90 16.19 27.71
CA TYR A 299 6.11 14.98 28.04
C TYR A 299 6.92 14.07 28.96
N ARG A 300 6.30 13.62 30.05
CA ARG A 300 7.01 12.76 30.98
C ARG A 300 6.77 11.25 30.84
N THR A 301 5.61 10.93 30.36
CA THR A 301 5.23 9.58 30.06
C THR A 301 4.58 9.42 28.62
N LEU A 302 4.51 8.19 28.18
CA LEU A 302 3.90 7.84 26.85
C LEU A 302 2.40 8.16 26.84
N GLU A 303 1.73 7.96 27.98
CA GLU A 303 0.26 8.15 28.05
C GLU A 303 -0.16 9.61 27.82
N GLU A 304 0.77 10.55 28.03
CA GLU A 304 0.45 11.90 27.86
C GLU A 304 0.20 12.28 26.43
N PHE A 305 0.72 11.49 25.46
CA PHE A 305 0.46 11.72 24.05
C PHE A 305 -0.08 10.57 23.20
N ARG A 306 -0.18 9.36 23.77
CA ARG A 306 -0.60 8.21 23.01
C ARG A 306 -2.01 8.50 22.55
N GLY A 307 -2.22 8.38 21.24
CA GLY A 307 -3.54 8.52 20.64
C GLY A 307 -3.97 9.99 20.52
N ARG A 308 -3.08 10.94 20.84
CA ARG A 308 -3.50 12.31 20.83
C ARG A 308 -3.16 13.14 19.58
N VAL A 309 -2.95 12.45 18.46
CA VAL A 309 -2.83 13.05 17.19
C VAL A 309 -4.00 14.06 17.00
N LYS A 310 -3.64 15.25 16.56
CA LYS A 310 -4.62 16.31 16.30
C LYS A 310 -5.16 16.23 14.90
N THR A 311 -6.44 16.51 14.72
CA THR A 311 -6.96 16.69 13.37
C THR A 311 -7.18 18.19 13.14
N ILE A 312 -7.45 18.58 11.88
CA ILE A 312 -7.64 19.99 11.54
C ILE A 312 -9.13 20.32 11.50
N GLU A 313 -9.56 21.25 12.35
CA GLU A 313 -10.90 21.95 12.21
C GLU A 313 -12.12 21.15 11.81
N MET B 1 17.57 9.50 -33.00
CA MET B 1 16.93 8.80 -31.79
C MET B 1 15.76 9.58 -31.05
N CYS B 2 14.58 8.98 -31.07
CA CYS B 2 13.38 9.63 -30.52
C CYS B 2 12.47 8.57 -29.93
N LEU B 3 11.64 9.03 -28.99
CA LEU B 3 10.82 8.17 -28.14
C LEU B 3 9.41 7.94 -28.68
N LYS B 4 9.16 8.25 -29.97
CA LYS B 4 7.81 8.26 -30.59
C LYS B 4 7.22 6.85 -30.54
N LEU B 5 5.88 6.73 -30.37
CA LEU B 5 5.15 5.50 -30.40
C LEU B 5 3.73 5.71 -30.83
N ASN B 6 3.06 4.60 -31.22
CA ASN B 6 1.72 4.57 -31.74
C ASN B 6 0.99 3.59 -30.92
N LEU B 7 -0.14 3.99 -30.36
CA LEU B 7 -1.02 3.15 -29.54
C LEU B 7 -2.45 3.60 -29.73
N LEU B 8 -3.39 2.67 -29.67
CA LEU B 8 -4.79 3.01 -29.73
C LEU B 8 -5.12 3.87 -30.97
N ASP B 9 -4.48 3.61 -32.07
CA ASP B 9 -4.77 4.40 -33.29
C ASP B 9 -4.35 5.88 -33.16
N HIS B 10 -3.45 6.18 -32.22
CA HIS B 10 -2.89 7.51 -32.12
C HIS B 10 -1.37 7.48 -32.08
N VAL B 11 -0.77 8.60 -32.42
CA VAL B 11 0.67 8.74 -32.37
C VAL B 11 1.06 9.60 -31.20
N PHE B 12 2.13 9.19 -30.50
CA PHE B 12 2.57 9.90 -29.29
C PHE B 12 4.08 10.21 -29.49
N ALA B 13 4.49 11.41 -29.15
CA ALA B 13 5.91 11.86 -29.29
C ALA B 13 6.82 11.10 -28.33
N ASN B 14 6.23 10.67 -27.22
CA ASN B 14 6.93 9.97 -26.18
C ASN B 14 5.86 9.38 -25.24
N PRO B 15 6.27 8.53 -24.31
CA PRO B 15 5.31 7.81 -23.50
C PRO B 15 4.77 8.56 -22.22
N PHE B 16 5.24 9.80 -22.01
CA PHE B 16 4.88 10.52 -20.81
C PHE B 16 3.61 11.31 -20.93
N MET B 17 2.84 11.35 -19.85
CA MET B 17 1.70 12.18 -19.69
C MET B 17 1.52 12.51 -18.25
N ASN B 18 0.65 13.47 -17.96
CA ASN B 18 0.33 13.71 -16.58
C ASN B 18 -0.54 12.60 -16.09
N ALA B 19 -0.52 12.40 -14.80
CA ALA B 19 -1.57 11.58 -14.13
C ALA B 19 -2.84 12.40 -13.95
N ALA B 20 -4.02 11.72 -14.05
CA ALA B 20 -5.21 12.40 -13.87
C ALA B 20 -5.25 13.11 -12.49
N GLY B 21 -5.80 14.34 -12.53
CA GLY B 21 -5.94 15.23 -11.42
C GLY B 21 -4.78 16.16 -11.18
N VAL B 22 -3.65 15.93 -11.83
CA VAL B 22 -2.50 16.83 -11.68
C VAL B 22 -2.40 17.71 -12.90
N LEU B 23 -2.36 19.04 -12.69
CA LEU B 23 -2.23 20.03 -13.75
C LEU B 23 -3.18 19.85 -14.90
N CYS B 24 -4.47 19.67 -14.58
CA CYS B 24 -5.39 19.38 -15.62
C CYS B 24 -6.85 19.68 -15.27
N SER B 25 -7.07 20.59 -14.34
CA SER B 25 -8.46 20.87 -13.89
C SER B 25 -9.13 22.04 -14.62
N THR B 26 -8.34 23.06 -14.95
CA THR B 26 -8.83 24.23 -15.60
C THR B 26 -8.35 24.32 -17.10
N GLU B 27 -8.91 25.27 -17.88
CA GLU B 27 -8.52 25.51 -19.20
C GLU B 27 -7.02 25.89 -19.21
N GLU B 28 -6.67 26.69 -18.24
CA GLU B 28 -5.23 27.13 -18.07
C GLU B 28 -4.30 25.93 -17.87
N ASP B 29 -4.69 25.01 -17.00
CA ASP B 29 -3.92 23.76 -16.74
C ASP B 29 -3.73 22.94 -18.05
N LEU B 30 -4.84 22.68 -18.74
CA LEU B 30 -4.87 21.88 -19.99
C LEU B 30 -4.03 22.50 -21.08
N ARG B 31 -4.06 23.82 -21.18
CA ARG B 31 -3.24 24.49 -22.17
C ARG B 31 -1.78 24.41 -21.79
N CYS B 32 -1.49 24.52 -20.48
CA CYS B 32 -0.13 24.30 -19.96
C CYS B 32 0.39 22.91 -20.25
N MET B 33 -0.41 21.87 -19.99
CA MET B 33 -0.01 20.52 -20.34
C MET B 33 0.10 20.33 -21.82
N THR B 34 -0.75 20.97 -22.60
CA THR B 34 -0.65 20.90 -24.00
C THR B 34 0.70 21.49 -24.53
N ALA B 35 1.05 22.60 -23.94
CA ALA B 35 2.31 23.30 -24.30
C ALA B 35 3.60 22.61 -23.89
N SER B 36 3.49 21.68 -22.92
CA SER B 36 4.59 20.90 -22.40
C SER B 36 5.13 19.91 -23.43
N SER B 37 6.25 19.29 -23.13
CA SER B 37 6.77 18.32 -24.01
C SER B 37 6.22 16.92 -23.72
N SER B 38 5.24 16.82 -22.81
CA SER B 38 4.57 15.51 -22.72
C SER B 38 4.07 14.93 -24.03
N GLY B 39 3.94 13.62 -24.07
CA GLY B 39 3.40 12.94 -25.21
C GLY B 39 1.88 12.98 -25.32
N ALA B 40 1.23 13.11 -24.17
CA ALA B 40 -0.24 13.20 -24.14
C ALA B 40 -0.64 13.93 -22.83
N LEU B 41 -1.95 14.18 -22.66
CA LEU B 41 -2.45 14.70 -21.43
C LEU B 41 -3.82 14.07 -21.15
N VAL B 42 -4.17 14.08 -19.88
CA VAL B 42 -5.47 13.56 -19.40
C VAL B 42 -6.10 14.66 -18.57
N SER B 43 -7.42 14.82 -18.67
CA SER B 43 -8.14 15.85 -17.89
C SER B 43 -8.44 15.37 -16.45
N LYS B 44 -8.74 16.31 -15.56
CA LYS B 44 -9.19 16.00 -14.17
C LYS B 44 -10.40 15.06 -14.21
N SER B 45 -10.45 14.07 -13.37
CA SER B 45 -11.69 13.19 -13.35
C SER B 45 -12.90 14.04 -13.07
N CYS B 46 -13.99 13.84 -13.82
CA CYS B 46 -15.08 14.77 -13.71
C CYS B 46 -16.37 14.06 -13.37
N THR B 47 -17.24 14.88 -12.86
CA THR B 47 -18.62 14.53 -12.52
C THR B 47 -19.58 15.35 -13.42
N SER B 48 -20.85 14.92 -13.46
CA SER B 48 -21.78 15.59 -14.23
C SER B 48 -21.84 17.04 -13.91
N ALA B 49 -21.97 17.35 -12.61
CA ALA B 49 -22.05 18.74 -12.15
C ALA B 49 -20.69 19.17 -11.57
N PRO B 50 -20.37 20.46 -11.65
CA PRO B 50 -19.12 21.01 -11.05
C PRO B 50 -19.11 20.74 -9.55
N ARG B 51 -17.91 20.59 -8.96
CA ARG B 51 -17.77 20.36 -7.57
C ARG B 51 -16.65 21.22 -7.05
N ASP B 52 -16.84 21.72 -5.83
CA ASP B 52 -15.77 22.46 -5.13
C ASP B 52 -14.72 21.55 -4.49
N GLY B 53 -15.01 20.28 -4.28
CA GLY B 53 -14.09 19.40 -3.51
C GLY B 53 -14.13 19.61 -2.04
N ASN B 54 -13.17 18.99 -1.36
CA ASN B 54 -13.08 18.98 0.05
C ASN B 54 -12.41 20.22 0.61
N PRO B 55 -12.61 20.46 1.94
CA PRO B 55 -11.94 21.61 2.55
C PRO B 55 -10.42 21.59 2.44
N GLU B 56 -9.77 22.75 2.33
CA GLU B 56 -8.30 22.84 2.35
C GLU B 56 -7.78 22.96 3.76
N PRO B 57 -6.53 22.52 4.05
CA PRO B 57 -5.61 21.87 3.14
C PRO B 57 -6.00 20.47 2.78
N ARG B 58 -5.83 20.13 1.51
CA ARG B 58 -6.28 18.83 1.02
C ARG B 58 -5.22 18.07 0.20
N TYR B 59 -4.03 18.69 0.03
CA TYR B 59 -2.94 18.07 -0.64
C TYR B 59 -1.70 18.56 0.11
N MET B 60 -0.76 17.66 0.35
CA MET B 60 0.55 18.04 0.90
C MET B 60 1.61 17.09 0.37
N ALA B 61 2.82 17.58 0.18
CA ALA B 61 3.90 16.79 -0.37
C ALA B 61 5.12 16.99 0.49
N PHE B 62 5.94 15.97 0.44
CA PHE B 62 7.06 15.73 1.27
C PHE B 62 8.12 15.01 0.45
N PRO B 63 9.32 14.86 1.03
CA PRO B 63 10.42 14.26 0.27
C PRO B 63 10.07 12.93 -0.35
N LEU B 64 9.31 12.08 0.34
CA LEU B 64 8.98 10.75 -0.17
C LEU B 64 7.65 10.66 -0.92
N GLY B 65 6.87 11.72 -0.97
CA GLY B 65 5.64 11.62 -1.72
C GLY B 65 4.61 12.59 -1.26
N SER B 66 3.35 12.26 -1.54
CA SER B 66 2.25 13.17 -1.29
C SER B 66 1.07 12.43 -0.73
N ILE B 67 0.24 13.20 -0.10
CA ILE B 67 -1.08 12.69 0.37
C ILE B 67 -2.13 13.68 -0.08
N ASN B 68 -3.32 13.21 -0.43
CA ASN B 68 -4.37 14.06 -0.90
C ASN B 68 -5.73 13.47 -0.55
N SER B 69 -6.65 14.38 -0.25
CA SER B 69 -8.05 14.05 -0.23
C SER B 69 -8.73 15.18 -0.90
N MET B 70 -8.53 15.24 -2.22
CA MET B 70 -9.00 16.42 -2.96
C MET B 70 -10.54 16.47 -2.93
N GLY B 71 -11.18 15.33 -3.02
CA GLY B 71 -12.66 15.30 -3.15
C GLY B 71 -13.31 15.59 -4.49
N LEU B 72 -12.62 15.23 -5.57
CA LEU B 72 -13.07 15.47 -6.90
C LEU B 72 -13.53 16.91 -7.26
N PRO B 73 -12.76 17.91 -6.86
CA PRO B 73 -13.05 19.22 -7.38
C PRO B 73 -12.83 19.20 -8.88
N ASN B 74 -13.79 19.72 -9.64
CA ASN B 74 -13.72 19.74 -11.09
C ASN B 74 -14.74 20.73 -11.67
N LEU B 75 -14.51 21.14 -12.92
CA LEU B 75 -15.33 22.13 -13.52
C LEU B 75 -16.65 21.54 -14.11
N GLY B 76 -16.82 20.24 -13.95
CA GLY B 76 -17.99 19.50 -14.39
C GLY B 76 -17.79 19.03 -15.85
N PHE B 77 -18.55 18.04 -16.26
CA PHE B 77 -18.35 17.34 -17.49
C PHE B 77 -18.58 18.22 -18.69
N ASP B 78 -19.56 19.15 -18.64
CA ASP B 78 -19.78 20.01 -19.79
C ASP B 78 -18.49 20.78 -20.14
N PHE B 79 -17.77 21.20 -19.14
CA PHE B 79 -16.51 21.93 -19.40
C PHE B 79 -15.45 21.03 -20.10
N TYR B 80 -15.18 19.84 -19.57
CA TYR B 80 -14.17 18.95 -20.17
C TYR B 80 -14.56 18.49 -21.59
N LEU B 81 -15.86 18.23 -21.82
CA LEU B 81 -16.34 17.92 -23.16
C LEU B 81 -16.15 19.00 -24.16
N LYS B 82 -16.43 20.22 -23.74
CA LYS B 82 -16.22 21.39 -24.53
C LYS B 82 -14.76 21.60 -24.81
N TYR B 83 -13.93 21.42 -23.78
CA TYR B 83 -12.47 21.36 -24.05
C TYR B 83 -12.11 20.34 -25.13
N ALA B 84 -12.58 19.10 -24.97
CA ALA B 84 -12.29 18.03 -25.93
C ALA B 84 -12.82 18.33 -27.37
N SER B 85 -14.00 18.96 -27.42
CA SER B 85 -14.68 19.14 -28.67
C SER B 85 -14.28 20.40 -29.41
N ASP B 86 -13.94 21.49 -28.73
CA ASP B 86 -13.71 22.83 -29.36
C ASP B 86 -12.37 23.48 -29.09
N LEU B 87 -11.70 23.13 -27.96
CA LEU B 87 -10.48 23.90 -27.53
C LEU B 87 -9.17 23.17 -27.70
N HIS B 88 -9.18 21.87 -27.59
CA HIS B 88 -7.92 21.13 -27.60
C HIS B 88 -7.33 21.11 -28.99
N ASP B 89 -6.01 21.33 -29.10
CA ASP B 89 -5.35 21.20 -30.34
C ASP B 89 -4.79 19.78 -30.58
N TYR B 90 -5.54 18.93 -31.27
CA TYR B 90 -5.14 17.57 -31.47
C TYR B 90 -3.86 17.38 -32.31
N SER B 91 -3.44 18.42 -33.02
CA SER B 91 -2.19 18.43 -33.76
C SER B 91 -0.98 18.45 -32.81
N LYS B 92 -1.20 18.85 -31.57
CA LYS B 92 -0.13 18.93 -30.57
C LYS B 92 0.12 17.59 -29.88
N LYS B 93 -0.97 16.90 -29.46
CA LYS B 93 -0.85 15.59 -28.76
C LYS B 93 -2.26 15.05 -28.51
N PRO B 94 -2.37 13.78 -28.26
CA PRO B 94 -3.65 13.21 -27.89
C PRO B 94 -4.13 13.64 -26.50
N LEU B 95 -5.45 13.56 -26.33
CA LEU B 95 -6.10 13.90 -25.15
C LEU B 95 -6.92 12.75 -24.69
N PHE B 96 -6.78 12.49 -23.37
CA PHE B 96 -7.60 11.59 -22.67
C PHE B 96 -8.52 12.35 -21.73
N LEU B 97 -9.80 11.92 -21.61
CA LEU B 97 -10.69 12.55 -20.72
C LEU B 97 -11.04 11.52 -19.61
N SER B 98 -10.84 11.89 -18.34
CA SER B 98 -11.15 11.03 -17.20
C SER B 98 -12.54 11.34 -16.64
N ILE B 99 -13.36 10.31 -16.54
CA ILE B 99 -14.62 10.47 -15.88
C ILE B 99 -14.74 9.63 -14.63
N SER B 100 -15.34 10.25 -13.61
CA SER B 100 -15.47 9.65 -12.32
C SER B 100 -16.82 9.94 -11.74
N GLY B 101 -17.87 9.49 -12.41
CA GLY B 101 -19.25 9.67 -11.81
C GLY B 101 -19.44 8.89 -10.54
N LEU B 102 -20.39 9.36 -9.73
CA LEU B 102 -20.63 8.90 -8.37
C LEU B 102 -21.64 7.72 -8.42
N SER B 103 -22.18 7.46 -9.59
CA SER B 103 -22.93 6.22 -9.82
C SER B 103 -22.75 5.71 -11.17
N VAL B 104 -23.15 4.47 -11.37
CA VAL B 104 -23.19 3.94 -12.63
C VAL B 104 -24.01 4.75 -13.62
N GLU B 105 -25.16 5.30 -13.19
CA GLU B 105 -25.99 6.07 -14.11
C GLU B 105 -25.36 7.37 -14.57
N GLU B 106 -24.65 7.98 -13.66
CA GLU B 106 -23.97 9.23 -13.95
C GLU B 106 -22.93 8.96 -15.03
N ASN B 107 -22.16 7.86 -14.86
CA ASN B 107 -21.11 7.50 -15.86
C ASN B 107 -21.70 7.19 -17.23
N VAL B 108 -22.82 6.45 -17.26
CA VAL B 108 -23.47 6.18 -18.52
C VAL B 108 -23.91 7.46 -19.26
N ALA B 109 -24.47 8.42 -18.54
CA ALA B 109 -24.93 9.67 -19.12
C ALA B 109 -23.78 10.46 -19.72
N MET B 110 -22.63 10.40 -19.03
CA MET B 110 -21.44 11.16 -19.51
C MET B 110 -20.88 10.43 -20.71
N VAL B 111 -20.72 9.09 -20.64
CA VAL B 111 -20.14 8.43 -21.81
C VAL B 111 -20.99 8.49 -23.10
N ARG B 112 -22.31 8.42 -22.98
CA ARG B 112 -23.17 8.57 -24.19
C ARG B 112 -22.92 9.88 -24.93
N ARG B 113 -22.62 10.94 -24.20
CA ARG B 113 -22.31 12.27 -24.76
C ARG B 113 -20.90 12.37 -25.26
N LEU B 114 -19.98 11.62 -24.61
CA LEU B 114 -18.60 11.63 -25.02
C LEU B 114 -18.45 10.90 -26.35
N ALA B 115 -19.16 9.77 -26.56
CA ALA B 115 -18.93 8.92 -27.72
C ALA B 115 -18.81 9.66 -29.09
N PRO B 116 -19.77 10.59 -29.45
CA PRO B 116 -19.66 11.28 -30.74
C PRO B 116 -18.45 12.21 -30.84
N VAL B 117 -18.04 12.75 -29.71
CA VAL B 117 -16.79 13.52 -29.64
C VAL B 117 -15.55 12.65 -29.83
N ALA B 118 -15.53 11.48 -29.19
CA ALA B 118 -14.48 10.46 -29.49
C ALA B 118 -14.41 10.04 -30.96
N GLN B 119 -15.55 9.73 -31.56
CA GLN B 119 -15.62 9.40 -32.96
C GLN B 119 -15.07 10.56 -33.79
N GLU B 120 -15.53 11.77 -33.53
CA GLU B 120 -15.21 12.91 -34.41
C GLU B 120 -13.76 13.42 -34.17
N LYS B 121 -13.38 13.52 -32.89
CA LYS B 121 -12.10 14.14 -32.54
C LYS B 121 -10.98 13.18 -32.09
N GLY B 122 -11.32 11.98 -31.68
CA GLY B 122 -10.31 11.01 -31.26
C GLY B 122 -9.92 11.17 -29.75
N VAL B 123 -10.62 12.01 -28.99
CA VAL B 123 -10.47 11.99 -27.52
C VAL B 123 -10.67 10.59 -26.95
N LEU B 124 -9.80 10.20 -26.04
CA LEU B 124 -9.82 8.85 -25.45
C LEU B 124 -10.39 8.88 -24.01
N LEU B 125 -11.19 7.87 -23.63
CA LEU B 125 -11.83 7.79 -22.33
C LEU B 125 -10.98 6.96 -21.38
N GLU B 126 -10.70 7.55 -20.21
CA GLU B 126 -10.15 6.84 -19.03
C GLU B 126 -11.23 6.89 -17.98
N LEU B 127 -11.85 5.72 -17.73
CA LEU B 127 -12.83 5.59 -16.73
C LEU B 127 -12.24 5.33 -15.34
N ASN B 128 -12.40 6.24 -14.38
CA ASN B 128 -11.85 6.09 -13.02
C ASN B 128 -12.70 5.23 -12.10
N LEU B 129 -12.23 4.00 -11.87
CA LEU B 129 -12.92 3.02 -10.98
C LEU B 129 -12.57 3.12 -9.53
N SER B 130 -11.94 4.24 -9.11
CA SER B 130 -11.97 4.70 -7.67
C SER B 130 -13.11 5.71 -7.43
N CYS B 131 -14.32 5.21 -7.61
CA CYS B 131 -15.53 6.03 -7.48
C CYS B 131 -16.48 5.48 -6.37
N PRO B 132 -17.45 6.31 -5.94
CA PRO B 132 -18.47 5.92 -4.98
C PRO B 132 -19.28 4.67 -5.31
N ASN B 133 -19.64 3.96 -4.24
CA ASN B 133 -20.35 2.71 -4.35
C ASN B 133 -21.57 2.75 -3.39
N VAL B 134 -22.37 1.69 -3.37
CA VAL B 134 -23.60 1.62 -2.54
C VAL B 134 -23.30 1.46 -1.01
N PRO B 135 -24.34 1.48 -0.11
CA PRO B 135 -24.15 1.70 1.36
C PRO B 135 -23.07 0.89 2.06
N GLY B 136 -22.26 1.56 2.91
CA GLY B 136 -21.08 0.92 3.56
C GLY B 136 -20.35 -0.06 2.66
N LYS B 137 -19.91 0.40 1.48
CA LYS B 137 -19.33 -0.49 0.45
C LYS B 137 -17.97 0.04 -0.01
N PRO B 138 -17.06 -0.87 -0.39
CA PRO B 138 -15.73 -0.41 -0.79
C PRO B 138 -15.78 0.39 -2.09
N GLN B 139 -14.70 1.07 -2.45
CA GLN B 139 -14.63 1.68 -3.73
C GLN B 139 -14.95 0.58 -4.75
N VAL B 140 -15.44 1.02 -5.91
CA VAL B 140 -15.96 0.13 -6.94
C VAL B 140 -14.97 -0.92 -7.38
N ALA B 141 -13.70 -0.51 -7.54
CA ALA B 141 -12.69 -1.46 -8.02
C ALA B 141 -12.35 -2.54 -7.02
N TYR B 142 -12.72 -2.34 -5.74
CA TYR B 142 -12.55 -3.32 -4.71
C TYR B 142 -13.84 -4.17 -4.42
N ASP B 143 -14.84 -4.02 -5.27
CA ASP B 143 -16.10 -4.79 -5.23
C ASP B 143 -16.33 -5.30 -6.66
N PHE B 144 -15.89 -6.53 -6.90
CA PHE B 144 -15.74 -7.02 -8.25
C PHE B 144 -17.08 -7.14 -8.90
N GLU B 145 -18.13 -7.36 -8.12
CA GLU B 145 -19.44 -7.44 -8.77
C GLU B 145 -19.89 -6.06 -9.29
N ALA B 146 -19.63 -4.98 -8.55
CA ALA B 146 -19.94 -3.62 -9.00
C ALA B 146 -19.08 -3.20 -10.17
N MET B 147 -17.81 -3.60 -10.16
CA MET B 147 -16.90 -3.30 -11.24
C MET B 147 -17.41 -3.87 -12.55
N ARG B 148 -17.84 -5.15 -12.50
CA ARG B 148 -18.40 -5.80 -13.66
C ARG B 148 -19.62 -5.02 -14.23
N THR B 149 -20.51 -4.59 -13.37
CA THR B 149 -21.71 -3.81 -13.77
C THR B 149 -21.31 -2.49 -14.36
N TYR B 150 -20.37 -1.80 -13.70
CA TYR B 150 -19.95 -0.56 -14.27
C TYR B 150 -19.48 -0.80 -15.67
N LEU B 151 -18.55 -1.75 -15.88
CA LEU B 151 -18.01 -1.99 -17.20
C LEU B 151 -19.03 -2.47 -18.18
N GLN B 152 -19.97 -3.31 -17.74
CA GLN B 152 -21.02 -3.71 -18.71
C GLN B 152 -21.80 -2.54 -19.28
N GLN B 153 -22.22 -1.69 -18.36
CA GLN B 153 -23.07 -0.53 -18.67
C GLN B 153 -22.36 0.52 -19.45
N VAL B 154 -21.10 0.81 -19.04
CA VAL B 154 -20.30 1.70 -19.84
C VAL B 154 -19.95 1.16 -21.20
N SER B 155 -19.56 -0.10 -21.31
CA SER B 155 -19.27 -0.60 -22.65
C SER B 155 -20.52 -0.46 -23.55
N LEU B 156 -21.70 -0.71 -23.00
CA LEU B 156 -22.91 -0.72 -23.87
C LEU B 156 -23.24 0.74 -24.29
N ALA B 157 -23.02 1.65 -23.37
CA ALA B 157 -23.37 3.05 -23.59
C ALA B 157 -22.37 3.72 -24.48
N TYR B 158 -21.08 3.42 -24.29
CA TYR B 158 -20.05 4.12 -25.01
C TYR B 158 -19.77 3.46 -26.36
N GLY B 159 -19.67 2.13 -26.40
CA GLY B 159 -19.46 1.45 -27.67
C GLY B 159 -18.14 1.55 -28.36
N LEU B 160 -17.16 2.23 -27.73
CA LEU B 160 -15.85 2.48 -28.37
C LEU B 160 -14.75 2.03 -27.41
N PRO B 161 -13.53 1.83 -27.92
CA PRO B 161 -12.39 1.46 -27.05
C PRO B 161 -12.22 2.50 -25.93
N PHE B 162 -11.96 2.02 -24.72
CA PHE B 162 -11.69 2.92 -23.58
C PHE B 162 -10.73 2.21 -22.64
N GLY B 163 -10.33 2.96 -21.64
CA GLY B 163 -9.52 2.44 -20.55
C GLY B 163 -10.05 2.70 -19.21
N VAL B 164 -9.42 2.03 -18.25
CA VAL B 164 -9.80 2.09 -16.87
C VAL B 164 -8.60 2.42 -15.97
N LYS B 165 -8.84 3.30 -15.01
CA LYS B 165 -7.89 3.69 -13.95
C LYS B 165 -8.17 2.82 -12.74
N MET B 166 -7.19 1.99 -12.39
CA MET B 166 -7.32 1.05 -11.27
C MET B 166 -6.60 1.48 -9.98
N PRO B 167 -7.23 1.22 -8.82
CA PRO B 167 -6.50 1.32 -7.60
C PRO B 167 -5.53 0.14 -7.47
N PRO B 168 -4.51 0.29 -6.61
CA PRO B 168 -3.60 -0.86 -6.39
C PRO B 168 -4.26 -2.03 -5.70
N TYR B 169 -3.85 -3.22 -6.09
CA TYR B 169 -4.14 -4.45 -5.33
C TYR B 169 -2.89 -4.98 -4.65
N PHE B 170 -3.08 -5.85 -3.67
CA PHE B 170 -2.04 -6.26 -2.71
C PHE B 170 -2.03 -7.73 -2.48
N ASP B 171 -2.83 -8.43 -3.25
CA ASP B 171 -3.05 -9.87 -2.98
C ASP B 171 -3.20 -10.56 -4.36
N ILE B 172 -2.48 -11.67 -4.57
CA ILE B 172 -2.43 -12.29 -5.92
C ILE B 172 -3.80 -12.76 -6.35
N ALA B 173 -4.58 -13.22 -5.42
CA ALA B 173 -5.98 -13.64 -5.78
C ALA B 173 -6.79 -12.48 -6.31
N HIS B 174 -6.55 -11.29 -5.72
CA HIS B 174 -7.21 -10.11 -6.24
C HIS B 174 -6.77 -9.73 -7.62
N PHE B 175 -5.46 -9.80 -7.92
CA PHE B 175 -5.01 -9.57 -9.25
C PHE B 175 -5.71 -10.54 -10.23
N ASP B 176 -5.74 -11.80 -9.86
CA ASP B 176 -6.40 -12.83 -10.69
C ASP B 176 -7.88 -12.45 -10.92
N THR B 177 -8.60 -12.08 -9.89
CA THR B 177 -10.02 -11.78 -10.02
C THR B 177 -10.22 -10.49 -10.84
N ALA B 178 -9.45 -9.45 -10.53
CA ALA B 178 -9.65 -8.18 -11.20
C ALA B 178 -9.35 -8.28 -12.65
N ALA B 179 -8.22 -8.94 -13.04
CA ALA B 179 -7.85 -9.07 -14.45
C ALA B 179 -8.92 -9.88 -15.22
N ALA B 180 -9.39 -10.94 -14.58
CA ALA B 180 -10.51 -11.75 -15.21
C ALA B 180 -11.73 -10.90 -15.47
N VAL B 181 -12.10 -10.02 -14.53
CA VAL B 181 -13.21 -9.06 -14.79
C VAL B 181 -12.95 -8.19 -16.01
N LEU B 182 -11.79 -7.52 -16.00
CA LEU B 182 -11.43 -6.78 -17.11
C LEU B 182 -11.36 -7.44 -18.44
N ASN B 183 -10.81 -8.65 -18.51
CA ASN B 183 -10.75 -9.41 -19.75
C ASN B 183 -12.14 -9.87 -20.26
N GLU B 184 -13.19 -9.70 -19.47
CA GLU B 184 -14.58 -9.88 -20.00
C GLU B 184 -15.02 -8.79 -20.94
N PHE B 185 -14.27 -7.67 -21.03
CA PHE B 185 -14.66 -6.50 -21.78
C PHE B 185 -13.65 -6.14 -22.86
N PRO B 186 -13.93 -6.55 -24.07
CA PRO B 186 -13.05 -6.31 -25.23
C PRO B 186 -12.84 -4.82 -25.56
N LEU B 187 -13.78 -3.98 -25.19
CA LEU B 187 -13.61 -2.52 -25.44
C LEU B 187 -12.64 -1.88 -24.43
N VAL B 188 -12.27 -2.63 -23.35
CA VAL B 188 -11.32 -2.08 -22.37
C VAL B 188 -9.96 -2.38 -22.95
N LYS B 189 -9.40 -1.40 -23.61
CA LYS B 189 -8.14 -1.56 -24.36
C LYS B 189 -6.87 -1.15 -23.57
N PHE B 190 -7.03 -0.39 -22.50
CA PHE B 190 -5.93 -0.06 -21.63
C PHE B 190 -6.38 -0.01 -20.19
N VAL B 191 -5.43 -0.36 -19.32
CA VAL B 191 -5.62 -0.43 -17.89
C VAL B 191 -4.49 0.46 -17.31
N THR B 192 -4.89 1.47 -16.56
CA THR B 192 -3.89 2.37 -15.91
C THR B 192 -3.67 1.91 -14.45
N CYS B 193 -2.42 1.54 -14.15
CA CYS B 193 -2.06 1.01 -12.84
C CYS B 193 -0.96 1.95 -12.34
N VAL B 194 -1.17 2.77 -11.28
CA VAL B 194 -2.22 2.69 -10.32
C VAL B 194 -2.64 4.05 -9.86
N ASN B 195 -3.85 4.09 -9.34
CA ASN B 195 -4.26 5.26 -8.53
C ASN B 195 -3.51 5.32 -7.21
N SER B 196 -3.80 6.31 -6.40
CA SER B 196 -3.09 6.45 -5.14
C SER B 196 -3.30 5.27 -4.18
N VAL B 197 -2.31 5.01 -3.37
CA VAL B 197 -2.43 3.99 -2.32
C VAL B 197 -3.38 4.56 -1.22
N GLY B 198 -4.56 3.97 -1.11
CA GLY B 198 -5.62 4.59 -0.41
C GLY B 198 -5.46 4.72 1.11
N ASN B 199 -6.00 5.81 1.60
CA ASN B 199 -6.15 6.04 3.03
C ASN B 199 -4.85 5.80 3.86
N GLY B 200 -3.75 6.42 3.47
CA GLY B 200 -2.66 6.59 4.39
C GLY B 200 -2.91 7.82 5.30
N LEU B 201 -1.94 8.08 6.18
CA LEU B 201 -2.05 9.07 7.22
C LEU B 201 -0.65 9.64 7.45
N VAL B 202 -0.48 10.91 7.09
CA VAL B 202 0.79 11.65 7.39
C VAL B 202 0.58 12.53 8.61
N ILE B 203 1.50 12.43 9.59
CA ILE B 203 1.45 13.15 10.85
C ILE B 203 2.72 13.96 10.94
N ASP B 204 2.55 15.23 11.28
CA ASP B 204 3.72 16.11 11.52
C ASP B 204 4.13 16.03 13.02
N ALA B 205 5.37 15.58 13.31
CA ALA B 205 5.85 15.40 14.68
C ALA B 205 5.86 16.72 15.42
N GLU B 206 6.31 17.81 14.79
CA GLU B 206 6.36 19.10 15.56
C GLU B 206 4.98 19.62 16.07
N SER B 207 3.99 19.68 15.19
CA SER B 207 2.67 20.13 15.53
C SER B 207 1.77 19.03 16.14
N GLU B 208 2.21 17.82 16.03
CA GLU B 208 1.43 16.66 16.53
C GLU B 208 0.07 16.54 15.85
N SER B 209 0.03 16.91 14.57
CA SER B 209 -1.21 16.97 13.80
C SER B 209 -1.09 16.26 12.49
N VAL B 210 -2.21 15.76 12.01
CA VAL B 210 -2.31 15.40 10.65
C VAL B 210 -2.16 16.64 9.74
N VAL B 211 -1.89 16.41 8.45
CA VAL B 211 -1.46 17.50 7.55
C VAL B 211 -2.49 17.92 6.49
N ILE B 212 -3.58 17.13 6.33
CA ILE B 212 -4.69 17.50 5.52
C ILE B 212 -5.97 17.48 6.37
N LYS B 213 -6.90 18.36 6.02
CA LYS B 213 -8.10 18.60 6.81
C LYS B 213 -9.22 17.52 6.63
N PRO B 214 -9.53 17.12 5.37
CA PRO B 214 -10.66 16.15 5.20
C PRO B 214 -10.31 14.77 5.84
N LYS B 215 -11.37 14.02 6.15
CA LYS B 215 -11.30 12.67 6.58
C LYS B 215 -10.32 12.44 7.77
N GLN B 216 -10.21 13.37 8.70
CA GLN B 216 -9.32 13.26 9.87
C GLN B 216 -7.84 12.98 9.46
N GLY B 217 -7.50 13.44 8.25
CA GLY B 217 -6.12 13.48 7.80
C GLY B 217 -5.83 12.30 6.88
N PHE B 218 -6.80 11.40 6.64
CA PHE B 218 -6.59 10.22 5.83
C PHE B 218 -6.74 10.56 4.34
N GLY B 219 -5.84 10.05 3.54
CA GLY B 219 -5.90 10.26 2.08
C GLY B 219 -4.99 9.41 1.26
N GLY B 220 -5.09 9.54 -0.08
CA GLY B 220 -4.37 8.71 -1.00
C GLY B 220 -2.89 9.15 -1.07
N LEU B 221 -2.03 8.14 -1.07
CA LEU B 221 -0.57 8.34 -1.20
C LEU B 221 -0.10 8.21 -2.63
N GLY B 222 0.83 9.11 -2.99
CA GLY B 222 1.53 9.07 -4.22
C GLY B 222 3.03 9.32 -3.98
N GLY B 223 3.79 9.12 -5.04
CA GLY B 223 5.21 9.48 -5.01
C GLY B 223 6.06 8.28 -4.66
N LYS B 224 7.24 8.54 -4.10
CA LYS B 224 8.16 7.47 -3.81
C LYS B 224 7.65 6.35 -2.97
N TYR B 225 6.76 6.63 -2.03
CA TYR B 225 6.20 5.59 -1.22
C TYR B 225 5.63 4.45 -2.06
N ILE B 226 5.19 4.71 -3.30
CA ILE B 226 4.28 3.74 -3.97
C ILE B 226 4.90 3.08 -5.20
N LEU B 227 6.17 3.38 -5.51
CA LEU B 227 6.75 2.85 -6.73
C LEU B 227 6.72 1.33 -6.77
N PRO B 228 7.12 0.61 -5.68
CA PRO B 228 7.14 -0.87 -5.89
C PRO B 228 5.70 -1.48 -5.99
N THR B 229 4.78 -0.84 -5.35
CA THR B 229 3.34 -1.17 -5.44
C THR B 229 2.88 -1.00 -6.92
N ALA B 230 3.26 0.14 -7.46
CA ALA B 230 2.86 0.54 -8.84
C ALA B 230 3.48 -0.42 -9.87
N LEU B 231 4.79 -0.74 -9.74
CA LEU B 231 5.45 -1.72 -10.61
C LEU B 231 4.81 -3.09 -10.52
N ALA B 232 4.40 -3.47 -9.33
CA ALA B 232 3.76 -4.79 -9.14
C ALA B 232 2.42 -4.86 -9.81
N ASN B 233 1.64 -3.79 -9.69
CA ASN B 233 0.36 -3.77 -10.35
C ASN B 233 0.49 -3.68 -11.87
N VAL B 234 1.45 -2.90 -12.38
CA VAL B 234 1.71 -2.88 -13.82
C VAL B 234 2.06 -4.25 -14.35
N ASN B 235 2.98 -4.91 -13.66
CA ASN B 235 3.41 -6.19 -14.16
C ASN B 235 2.28 -7.26 -14.03
N ALA B 236 1.57 -7.24 -12.96
CA ALA B 236 0.54 -8.26 -12.75
C ALA B 236 -0.50 -8.20 -13.81
N PHE B 237 -0.93 -6.98 -14.21
CA PHE B 237 -1.93 -6.81 -15.22
C PHE B 237 -1.33 -6.98 -16.60
N TYR B 238 -0.05 -6.62 -16.77
CA TYR B 238 0.60 -6.85 -18.03
C TYR B 238 0.60 -8.35 -18.31
N ARG B 239 0.85 -9.11 -17.27
CA ARG B 239 0.93 -10.55 -17.39
C ARG B 239 -0.49 -11.17 -17.70
N ARG B 240 -1.48 -10.59 -17.13
CA ARG B 240 -2.84 -11.17 -17.09
C ARG B 240 -3.69 -10.67 -18.19
N CYS B 241 -3.28 -9.59 -18.84
CA CYS B 241 -4.11 -8.89 -19.87
C CYS B 241 -3.33 -8.75 -21.16
N PRO B 242 -2.98 -9.91 -21.79
CA PRO B 242 -2.14 -9.84 -22.96
C PRO B 242 -2.74 -9.15 -24.18
N ASP B 243 -4.05 -8.98 -24.23
CA ASP B 243 -4.68 -8.29 -25.33
C ASP B 243 -5.03 -6.83 -25.00
N LYS B 244 -4.56 -6.33 -23.85
CA LYS B 244 -4.74 -4.94 -23.51
C LYS B 244 -3.37 -4.25 -23.38
N LEU B 245 -3.40 -2.94 -23.40
CA LEU B 245 -2.21 -2.14 -22.97
C LEU B 245 -2.29 -1.88 -21.48
N VAL B 246 -1.15 -1.65 -20.81
CA VAL B 246 -1.11 -1.21 -19.47
C VAL B 246 -0.31 0.10 -19.45
N PHE B 247 -0.92 1.11 -18.81
CA PHE B 247 -0.30 2.46 -18.59
C PHE B 247 0.21 2.43 -17.16
N GLY B 248 1.49 2.86 -16.92
CA GLY B 248 1.99 2.89 -15.63
C GLY B 248 1.88 4.24 -14.99
N CYS B 249 1.49 4.23 -13.73
CA CYS B 249 1.39 5.40 -12.90
C CYS B 249 1.81 5.07 -11.50
N GLY B 250 2.74 5.85 -10.92
CA GLY B 250 3.05 5.72 -9.49
C GLY B 250 4.55 5.82 -9.24
N GLY B 251 4.92 6.88 -8.60
CA GLY B 251 6.30 7.05 -8.20
C GLY B 251 7.30 7.38 -9.23
N VAL B 252 6.89 7.96 -10.37
CA VAL B 252 7.85 8.29 -11.36
C VAL B 252 8.44 9.68 -11.07
N TYR B 253 9.74 9.71 -10.79
CA TYR B 253 10.45 11.01 -10.62
C TYR B 253 11.65 11.17 -11.54
N SER B 254 11.98 10.15 -12.31
CA SER B 254 13.19 10.12 -13.17
C SER B 254 12.97 9.22 -14.34
N GLY B 255 13.83 9.35 -15.32
CA GLY B 255 13.83 8.46 -16.46
C GLY B 255 14.11 6.99 -16.02
N GLU B 256 14.88 6.81 -14.96
CA GLU B 256 15.09 5.46 -14.41
C GLU B 256 13.77 4.84 -13.95
N ASP B 257 13.02 5.65 -13.23
CA ASP B 257 11.74 5.17 -12.71
C ASP B 257 10.80 4.79 -13.85
N ALA B 258 10.76 5.63 -14.90
CA ALA B 258 10.01 5.37 -16.13
C ALA B 258 10.49 4.11 -16.85
N PHE B 259 11.79 3.93 -16.90
CA PHE B 259 12.40 2.71 -17.41
C PHE B 259 11.87 1.45 -16.71
N LEU B 260 11.77 1.51 -15.36
CA LEU B 260 11.34 0.37 -14.58
C LEU B 260 9.83 0.11 -14.88
N HIS B 261 9.04 1.17 -14.96
CA HIS B 261 7.61 0.91 -15.35
C HIS B 261 7.48 0.22 -16.77
N ILE B 262 8.31 0.64 -17.72
CA ILE B 262 8.25 0.10 -19.06
C ILE B 262 8.75 -1.36 -19.05
N LEU B 263 9.80 -1.61 -18.32
CA LEU B 263 10.26 -3.03 -18.12
C LEU B 263 9.14 -3.91 -17.52
N ALA B 264 8.38 -3.35 -16.56
CA ALA B 264 7.23 -4.01 -15.98
C ALA B 264 6.09 -4.24 -16.93
N GLY B 265 6.03 -3.46 -18.01
CA GLY B 265 5.04 -3.63 -19.07
C GLY B 265 4.28 -2.37 -19.54
N ALA B 266 4.61 -1.22 -18.99
CA ALA B 266 3.94 -0.01 -19.27
C ALA B 266 4.15 0.46 -20.73
N SER B 267 3.05 0.88 -21.33
CA SER B 267 3.07 1.50 -22.69
C SER B 267 3.21 3.01 -22.51
N MET B 268 2.32 3.64 -21.80
CA MET B 268 2.46 5.08 -21.43
C MET B 268 2.85 5.11 -19.91
N VAL B 269 3.49 6.21 -19.48
CA VAL B 269 3.94 6.40 -18.15
C VAL B 269 3.38 7.77 -17.70
N GLN B 270 2.54 7.72 -16.68
CA GLN B 270 1.93 8.90 -16.08
C GLN B 270 2.72 9.43 -14.90
N VAL B 271 2.70 10.75 -14.72
CA VAL B 271 3.45 11.46 -13.70
C VAL B 271 2.47 12.34 -12.88
N GLY B 272 2.31 12.01 -11.61
CA GLY B 272 1.45 12.69 -10.67
C GLY B 272 2.25 13.56 -9.77
N THR B 273 2.58 13.07 -8.59
CA THR B 273 3.18 13.85 -7.53
C THR B 273 4.42 14.60 -8.00
N ALA B 274 5.25 13.92 -8.76
CA ALA B 274 6.54 14.58 -9.19
C ALA B 274 6.27 15.78 -10.12
N LEU B 275 5.18 15.69 -10.84
CA LEU B 275 4.71 16.74 -11.75
C LEU B 275 4.14 17.92 -10.94
N GLN B 276 3.32 17.57 -9.98
CA GLN B 276 2.75 18.56 -9.02
C GLN B 276 3.88 19.35 -8.35
N GLU B 277 4.97 18.65 -8.04
CA GLU B 277 6.04 19.31 -7.35
C GLU B 277 7.00 20.06 -8.20
N GLU B 278 7.34 19.53 -9.37
CA GLU B 278 8.42 20.05 -10.18
C GLU B 278 7.88 20.95 -11.24
N GLY B 279 6.63 20.75 -11.62
CA GLY B 279 6.04 21.50 -12.71
C GLY B 279 6.32 20.79 -14.05
N PRO B 280 5.76 21.28 -15.15
CA PRO B 280 5.77 20.62 -16.48
C PRO B 280 7.18 20.53 -17.20
N GLY B 281 8.16 21.30 -16.70
CA GLY B 281 9.53 21.11 -17.20
C GLY B 281 10.00 19.72 -16.93
N ILE B 282 9.38 19.05 -15.97
CA ILE B 282 9.81 17.69 -15.66
C ILE B 282 9.85 16.80 -16.94
N PHE B 283 8.97 17.06 -17.90
CA PHE B 283 8.85 16.21 -19.07
C PHE B 283 10.07 16.21 -19.95
N THR B 284 10.76 17.32 -20.02
CA THR B 284 11.91 17.29 -20.84
C THR B 284 12.99 16.50 -20.13
N ARG B 285 13.10 16.60 -18.79
CA ARG B 285 14.09 15.88 -18.04
C ARG B 285 13.87 14.38 -18.13
N LEU B 286 12.62 13.96 -18.01
CA LEU B 286 12.32 12.56 -18.06
C LEU B 286 12.67 11.94 -19.41
N GLU B 287 12.40 12.64 -20.50
CA GLU B 287 12.69 12.20 -21.84
C GLU B 287 14.19 11.99 -22.00
N ASP B 288 14.91 13.03 -21.59
CA ASP B 288 16.36 13.01 -21.68
C ASP B 288 16.96 11.85 -20.89
N GLU B 289 16.50 11.70 -19.63
CA GLU B 289 17.00 10.66 -18.76
C GLU B 289 16.71 9.27 -19.32
N LEU B 290 15.47 9.06 -19.77
CA LEU B 290 15.12 7.78 -20.41
C LEU B 290 15.93 7.45 -21.68
N LEU B 291 16.17 8.46 -22.52
CA LEU B 291 16.89 8.24 -23.72
C LEU B 291 18.33 7.89 -23.33
N GLU B 292 18.82 8.51 -22.24
CA GLU B 292 20.18 8.30 -21.72
C GLU B 292 20.38 6.88 -21.23
N ILE B 293 19.40 6.35 -20.48
CA ILE B 293 19.48 4.97 -20.04
C ILE B 293 19.42 4.01 -21.25
N MET B 294 18.52 4.27 -22.20
CA MET B 294 18.40 3.47 -23.43
C MET B 294 19.74 3.40 -24.16
N ALA B 295 20.32 4.58 -24.34
CA ALA B 295 21.62 4.66 -25.06
C ALA B 295 22.70 3.83 -24.38
N ARG B 296 22.83 3.95 -23.06
CA ARG B 296 23.82 3.21 -22.30
C ARG B 296 23.64 1.70 -22.42
N LYS B 297 22.39 1.24 -22.51
CA LYS B 297 22.04 -0.15 -22.66
C LYS B 297 22.02 -0.67 -24.12
N GLY B 298 22.07 0.23 -25.10
CA GLY B 298 21.95 -0.10 -26.51
C GLY B 298 20.54 -0.38 -26.97
N TYR B 299 19.56 0.18 -26.27
CA TYR B 299 18.18 -0.03 -26.69
C TYR B 299 17.83 1.14 -27.64
N ARG B 300 17.26 0.80 -28.79
CA ARG B 300 16.79 1.85 -29.69
C ARG B 300 15.30 2.11 -29.63
N THR B 301 14.51 1.12 -29.20
CA THR B 301 13.08 1.24 -29.11
C THR B 301 12.61 0.90 -27.68
N LEU B 302 11.41 1.39 -27.32
CA LEU B 302 10.73 0.97 -26.10
C LEU B 302 10.28 -0.48 -26.19
N GLU B 303 9.93 -0.89 -27.42
CA GLU B 303 9.38 -2.23 -27.63
C GLU B 303 10.41 -3.28 -27.31
N GLU B 304 11.69 -2.96 -27.45
CA GLU B 304 12.79 -3.93 -27.18
C GLU B 304 12.84 -4.42 -25.74
N PHE B 305 12.37 -3.59 -24.83
CA PHE B 305 12.40 -3.92 -23.41
C PHE B 305 11.07 -3.85 -22.66
N ARG B 306 9.98 -3.45 -23.30
CA ARG B 306 8.77 -3.27 -22.57
C ARG B 306 8.33 -4.68 -22.15
N GLY B 307 8.03 -4.78 -20.88
CA GLY B 307 7.63 -6.03 -20.29
C GLY B 307 8.67 -7.09 -20.22
N ARG B 308 9.90 -6.73 -20.42
CA ARG B 308 10.99 -7.70 -20.35
C ARG B 308 11.75 -7.86 -19.08
N VAL B 309 11.14 -7.45 -17.97
CA VAL B 309 11.70 -7.61 -16.65
C VAL B 309 12.07 -9.03 -16.46
N LYS B 310 13.29 -9.22 -16.04
CA LYS B 310 13.76 -10.59 -15.76
C LYS B 310 13.38 -11.18 -14.40
N THR B 311 13.01 -12.46 -14.36
CA THR B 311 12.79 -13.14 -13.09
C THR B 311 14.07 -13.97 -12.77
N ILE B 312 14.17 -14.48 -11.56
CA ILE B 312 15.32 -15.30 -11.14
C ILE B 312 14.92 -16.73 -11.21
N GLU B 313 15.63 -17.49 -12.05
CA GLU B 313 15.24 -18.83 -12.55
C GLU B 313 13.73 -19.17 -12.44
#